data_7TVW
#
_entry.id   7TVW
#
_cell.length_a   79.560
_cell.length_b   84.590
_cell.length_c   76.880
_cell.angle_alpha   90.000
_cell.angle_beta   90.000
_cell.angle_gamma   90.000
#
_symmetry.space_group_name_H-M   'C 2 2 21'
#
loop_
_entity.id
_entity.type
_entity.pdbx_description
1 polymer 'Alpha/beta-Hydrolases superfamily protein'
2 water water
#
_entity_poly.entity_id   1
_entity_poly.type   'polypeptide(L)'
_entity_poly.pdbx_seq_one_letter_code
;GPMVVNQKISGLASAMNAKIIGSGERSMVLAHGFGGDQSVWDKIIPVLSQSFKVLVFDWLFSGAIKDQTLYDPSKYNSLD
VFSDDLIALMEELKFGPVVFVGHSMSGVIGCAASIKRPDLFTNLLLIAASPRYINSEDYKGGFESKDIDTIITSIGSNYE
AWAVDFSSFVVDSRDSLSVQRFEKSLKKMKPETALALAKIVFGSDEREILGQVSVPCHVIQPGNDVVVPVSVAYFMQEKI
KGKSTVEIIEDAIGHFPQMTSHLELLGVMRRLLEF
;
_entity_poly.pdbx_strand_id   A
#
# COMPACT_ATOMS: atom_id res chain seq x y z
N GLY A 11 11.86 6.97 -18.27
CA GLY A 11 10.67 6.44 -18.91
C GLY A 11 9.69 5.87 -17.90
N LEU A 12 9.98 6.09 -16.62
CA LEU A 12 9.14 5.49 -15.58
C LEU A 12 7.76 6.12 -15.54
N ALA A 13 7.67 7.43 -15.75
CA ALA A 13 6.37 8.09 -15.63
C ALA A 13 5.33 7.54 -16.61
N SER A 14 5.73 7.28 -17.85
CA SER A 14 4.82 6.76 -18.86
CA SER A 14 4.78 6.78 -18.83
C SER A 14 4.41 5.33 -18.55
N ALA A 15 5.40 4.50 -18.23
CA ALA A 15 5.12 3.10 -17.95
C ALA A 15 4.23 2.92 -16.72
N MET A 16 4.47 3.74 -15.71
CA MET A 16 3.70 3.67 -14.46
C MET A 16 2.43 4.51 -14.48
N ASN A 17 2.05 5.04 -15.65
CA ASN A 17 0.81 5.80 -15.81
C ASN A 17 0.72 6.91 -14.77
N ALA A 18 1.83 7.58 -14.54
CA ALA A 18 1.93 8.58 -13.49
C ALA A 18 1.20 9.85 -13.90
N LYS A 19 0.49 10.42 -12.93
CA LYS A 19 -0.27 11.64 -13.14
C LYS A 19 -0.11 12.50 -11.91
N ILE A 20 0.01 13.82 -12.12
CA ILE A 20 -0.05 14.75 -10.99
C ILE A 20 -1.37 15.49 -11.05
N ILE A 21 -2.19 15.31 -10.01
CA ILE A 21 -3.57 15.78 -10.00
C ILE A 21 -3.72 16.89 -8.96
N GLY A 22 -4.20 18.05 -9.38
CA GLY A 22 -4.38 19.13 -8.43
C GLY A 22 -3.37 20.24 -8.61
N SER A 23 -3.28 21.12 -7.63
CA SER A 23 -2.39 22.28 -7.75
C SER A 23 -1.98 22.79 -6.38
N GLY A 24 -1.07 23.75 -6.38
CA GLY A 24 -0.71 24.43 -5.15
C GLY A 24 0.63 24.02 -4.61
N GLU A 25 0.91 24.43 -3.38
CA GLU A 25 2.25 24.24 -2.83
C GLU A 25 2.42 23.00 -1.97
N ARG A 26 1.37 22.22 -1.76
CA ARG A 26 1.49 21.01 -0.98
C ARG A 26 1.55 19.82 -1.93
N SER A 27 2.48 18.91 -1.68
CA SER A 27 2.65 17.77 -2.56
C SER A 27 2.38 16.48 -1.82
N MET A 28 1.68 15.56 -2.49
CA MET A 28 1.29 14.29 -1.92
C MET A 28 1.52 13.19 -2.94
N VAL A 29 1.79 11.98 -2.45
CA VAL A 29 1.85 10.78 -3.29
C VAL A 29 0.86 9.76 -2.74
N LEU A 30 0.04 9.15 -3.61
CA LEU A 30 -0.82 8.04 -3.22
C LEU A 30 -0.31 6.80 -3.91
N ALA A 31 0.05 5.78 -3.12
CA ALA A 31 0.64 4.55 -3.65
C ALA A 31 -0.22 3.34 -3.28
N HIS A 32 -0.75 2.67 -4.30
CA HIS A 32 -1.64 1.53 -4.10
C HIS A 32 -0.87 0.29 -3.65
N GLY A 33 -1.63 -0.74 -3.27
CA GLY A 33 -1.06 -1.97 -2.75
C GLY A 33 -1.11 -3.17 -3.68
N PHE A 34 -0.95 -4.35 -3.09
CA PHE A 34 -0.92 -5.60 -3.83
C PHE A 34 -2.11 -5.76 -4.77
N GLY A 35 -1.80 -6.02 -6.03
CA GLY A 35 -2.82 -6.37 -7.00
C GLY A 35 -3.65 -5.21 -7.52
N GLY A 36 -3.34 -4.00 -7.09
CA GLY A 36 -4.19 -2.88 -7.43
C GLY A 36 -3.70 -2.02 -8.56
N ASP A 37 -4.23 -0.80 -8.59
CA ASP A 37 -3.85 0.22 -9.54
C ASP A 37 -4.32 1.55 -8.95
N GLN A 38 -4.00 2.64 -9.63
CA GLN A 38 -4.26 3.94 -9.05
C GLN A 38 -5.73 4.28 -8.88
N SER A 39 -6.61 3.52 -9.54
CA SER A 39 -8.05 3.80 -9.43
C SER A 39 -8.59 3.47 -8.06
N VAL A 40 -7.80 2.77 -7.24
CA VAL A 40 -8.22 2.49 -5.86
C VAL A 40 -8.43 3.78 -5.07
N TRP A 41 -7.84 4.88 -5.55
CA TRP A 41 -7.89 6.15 -4.87
C TRP A 41 -9.05 7.02 -5.34
N ASP A 42 -9.88 6.50 -6.24
CA ASP A 42 -10.86 7.33 -6.91
C ASP A 42 -11.81 8.07 -5.97
N LYS A 43 -12.18 7.47 -4.85
CA LYS A 43 -13.13 8.17 -3.98
C LYS A 43 -12.53 9.33 -3.21
N ILE A 44 -11.23 9.31 -2.93
CA ILE A 44 -10.66 10.38 -2.12
C ILE A 44 -9.84 11.39 -2.92
N ILE A 45 -9.49 11.06 -4.16
CA ILE A 45 -8.71 12.00 -4.95
C ILE A 45 -9.43 13.36 -5.23
N PRO A 46 -10.78 13.39 -5.37
CA PRO A 46 -11.37 14.72 -5.58
C PRO A 46 -11.13 15.69 -4.43
N VAL A 47 -11.32 15.25 -3.19
CA VAL A 47 -11.11 16.14 -2.07
C VAL A 47 -9.62 16.43 -1.88
N LEU A 48 -8.78 15.42 -2.00
CA LEU A 48 -7.36 15.66 -1.80
C LEU A 48 -6.80 16.63 -2.83
N SER A 49 -7.30 16.58 -4.06
CA SER A 49 -6.77 17.44 -5.12
C SER A 49 -7.20 18.89 -4.97
N GLN A 50 -8.11 19.16 -4.03
CA GLN A 50 -8.47 20.54 -3.70
C GLN A 50 -7.38 21.21 -2.87
N SER A 51 -6.60 20.40 -2.16
CA SER A 51 -5.64 20.91 -1.19
C SER A 51 -4.18 20.55 -1.49
N PHE A 52 -3.96 19.59 -2.39
CA PHE A 52 -2.63 19.04 -2.68
C PHE A 52 -2.44 18.88 -4.17
N LYS A 53 -1.18 18.92 -4.61
CA LYS A 53 -0.79 18.34 -5.90
C LYS A 53 -0.55 16.88 -5.58
N VAL A 54 -1.28 16.00 -6.23
CA VAL A 54 -1.24 14.58 -5.87
C VAL A 54 -0.66 13.72 -6.99
N LEU A 55 0.48 13.09 -6.72
CA LEU A 55 1.07 12.11 -7.62
C LEU A 55 0.42 10.76 -7.41
N VAL A 56 -0.23 10.22 -8.44
CA VAL A 56 -0.75 8.86 -8.41
C VAL A 56 -0.07 8.10 -9.53
N PHE A 57 0.02 6.77 -9.39
CA PHE A 57 0.72 5.96 -10.37
C PHE A 57 0.35 4.52 -10.15
N ASP A 58 0.77 3.66 -11.09
CA ASP A 58 0.62 2.21 -10.98
C ASP A 58 1.99 1.61 -10.76
N TRP A 59 2.16 0.79 -9.74
CA TRP A 59 3.40 0.02 -9.62
C TRP A 59 3.56 -0.89 -10.84
N LEU A 60 4.80 -1.20 -11.20
CA LEU A 60 5.03 -1.98 -12.43
C LEU A 60 4.50 -3.43 -12.41
N PHE A 61 4.06 -3.93 -11.26
CA PHE A 61 3.34 -5.22 -11.24
C PHE A 61 1.88 -5.12 -11.64
N SER A 62 1.34 -3.90 -11.71
CA SER A 62 -0.11 -3.73 -11.85
C SER A 62 -0.64 -4.28 -13.15
N GLY A 63 -1.90 -4.73 -13.12
CA GLY A 63 -2.59 -5.09 -14.35
C GLY A 63 -2.80 -3.90 -15.26
N ALA A 64 -2.66 -2.69 -14.72
CA ALA A 64 -2.87 -1.48 -15.49
C ALA A 64 -1.67 -1.09 -16.33
N ILE A 65 -0.54 -1.75 -16.12
CA ILE A 65 0.65 -1.46 -16.93
C ILE A 65 0.36 -1.96 -18.34
N LYS A 66 0.58 -1.11 -19.33
CA LYS A 66 0.21 -1.46 -20.71
C LYS A 66 1.06 -2.62 -21.22
N ASP A 67 2.34 -2.54 -20.95
CA ASP A 67 3.27 -3.61 -21.33
C ASP A 67 3.46 -4.58 -20.16
N GLN A 68 2.75 -5.70 -20.21
CA GLN A 68 2.79 -6.65 -19.11
C GLN A 68 4.07 -7.47 -19.07
N THR A 69 4.98 -7.22 -20.01
CA THR A 69 6.25 -7.92 -20.03
C THR A 69 7.36 -7.18 -19.28
N LEU A 70 7.08 -5.97 -18.83
CA LEU A 70 8.10 -5.15 -18.15
C LEU A 70 8.53 -5.73 -16.80
N TYR A 71 7.58 -6.26 -16.03
CA TYR A 71 7.87 -6.73 -14.68
C TYR A 71 8.72 -8.01 -14.69
N ASP A 72 9.89 -7.92 -14.07
CA ASP A 72 10.84 -9.05 -14.03
C ASP A 72 11.06 -9.47 -12.58
N PRO A 73 10.58 -10.67 -12.19
CA PRO A 73 10.79 -11.11 -10.80
C PRO A 73 12.27 -11.20 -10.40
N SER A 74 13.18 -11.38 -11.36
CA SER A 74 14.61 -11.36 -11.04
C SER A 74 15.05 -9.99 -10.53
N LYS A 75 14.45 -8.92 -11.05
CA LYS A 75 14.70 -7.57 -10.53
C LYS A 75 13.92 -7.33 -9.25
N TYR A 76 12.63 -7.68 -9.29
CA TYR A 76 11.74 -7.43 -8.17
C TYR A 76 11.77 -8.59 -7.19
N ASN A 77 12.91 -8.75 -6.53
CA ASN A 77 13.11 -9.88 -5.63
C ASN A 77 13.08 -9.50 -4.16
N SER A 78 12.70 -8.25 -3.88
CA SER A 78 12.46 -7.78 -2.52
C SER A 78 11.66 -6.50 -2.58
N LEU A 79 11.02 -6.16 -1.47
CA LEU A 79 10.25 -4.92 -1.41
C LEU A 79 11.15 -3.70 -1.61
N ASP A 80 12.44 -3.85 -1.28
CA ASP A 80 13.40 -2.76 -1.40
C ASP A 80 13.40 -2.09 -2.78
N VAL A 81 13.21 -2.90 -3.83
CA VAL A 81 13.26 -2.41 -5.19
C VAL A 81 12.18 -1.37 -5.51
N PHE A 82 11.01 -1.52 -4.89
CA PHE A 82 9.94 -0.56 -5.15
C PHE A 82 10.25 0.82 -4.62
N SER A 83 11.00 0.94 -3.52
CA SER A 83 11.31 2.26 -3.06
C SER A 83 12.29 2.94 -4.00
N ASP A 84 13.14 2.16 -4.67
CA ASP A 84 13.98 2.74 -5.71
C ASP A 84 13.15 3.27 -6.87
N ASP A 85 12.14 2.52 -7.29
CA ASP A 85 11.24 2.97 -8.36
C ASP A 85 10.52 4.27 -7.99
N LEU A 86 10.03 4.32 -6.76
CA LEU A 86 9.34 5.50 -6.25
C LEU A 86 10.23 6.73 -6.31
N ILE A 87 11.45 6.60 -5.81
CA ILE A 87 12.35 7.73 -5.81
C ILE A 87 12.72 8.15 -7.23
N ALA A 88 12.97 7.17 -8.10
CA ALA A 88 13.30 7.48 -9.48
C ALA A 88 12.16 8.21 -10.18
N LEU A 89 10.93 7.79 -9.90
CA LEU A 89 9.77 8.43 -10.50
C LEU A 89 9.64 9.88 -10.02
N MET A 90 9.80 10.10 -8.71
CA MET A 90 9.71 11.44 -8.14
C MET A 90 10.79 12.33 -8.72
N GLU A 91 11.98 11.78 -8.89
CA GLU A 91 13.07 12.55 -9.48
C GLU A 91 12.79 12.92 -10.93
N GLU A 92 12.30 11.94 -11.70
CA GLU A 92 11.93 12.15 -13.10
C GLU A 92 10.87 13.24 -13.24
N LEU A 93 9.99 13.33 -12.25
CA LEU A 93 8.91 14.31 -12.22
C LEU A 93 9.28 15.61 -11.53
N LYS A 94 10.48 15.67 -10.95
CA LYS A 94 10.95 16.83 -10.19
C LYS A 94 9.95 17.15 -9.11
N PHE A 95 9.50 16.10 -8.44
CA PHE A 95 8.40 16.17 -7.51
C PHE A 95 8.89 15.91 -6.10
N GLY A 96 8.51 16.78 -5.17
CA GLY A 96 8.88 16.57 -3.78
C GLY A 96 9.42 17.83 -3.12
N PRO A 97 9.54 17.82 -1.78
CA PRO A 97 9.21 16.69 -0.90
C PRO A 97 7.71 16.51 -0.74
N VAL A 98 7.33 15.33 -0.26
CA VAL A 98 5.92 14.97 -0.27
C VAL A 98 5.40 14.45 1.06
N VAL A 99 4.08 14.57 1.24
CA VAL A 99 3.37 13.70 2.15
C VAL A 99 3.13 12.40 1.38
N PHE A 100 3.73 11.31 1.84
CA PHE A 100 3.56 10.03 1.17
C PHE A 100 2.48 9.22 1.84
N VAL A 101 1.49 8.82 1.06
CA VAL A 101 0.37 8.01 1.56
C VAL A 101 0.44 6.65 0.92
N GLY A 102 0.75 5.64 1.74
CA GLY A 102 0.99 4.33 1.20
C GLY A 102 0.01 3.30 1.72
N HIS A 103 -0.70 2.66 0.80
CA HIS A 103 -1.59 1.58 1.19
C HIS A 103 -0.86 0.26 1.30
N SER A 104 -1.04 -0.41 2.43
CA SER A 104 -0.63 -1.79 2.60
C SER A 104 0.89 -1.94 2.34
N MET A 105 1.30 -2.74 1.34
CA MET A 105 2.72 -2.92 1.03
C MET A 105 3.44 -1.58 0.82
N SER A 106 2.70 -0.59 0.32
CA SER A 106 3.29 0.69 0.03
C SER A 106 3.67 1.45 1.30
N GLY A 107 3.09 1.06 2.43
CA GLY A 107 3.45 1.68 3.70
C GLY A 107 4.92 1.47 3.98
N VAL A 108 5.37 0.21 3.98
CA VAL A 108 6.77 -0.04 4.33
C VAL A 108 7.68 0.38 3.17
N ILE A 109 7.15 0.40 1.96
CA ILE A 109 7.92 0.90 0.83
C ILE A 109 8.21 2.37 1.05
N GLY A 110 7.22 3.13 1.52
CA GLY A 110 7.44 4.54 1.78
C GLY A 110 8.41 4.73 2.93
N CYS A 111 8.32 3.89 3.95
CA CYS A 111 9.31 3.92 5.03
C CYS A 111 10.73 3.74 4.49
N ALA A 112 10.93 2.71 3.66
CA ALA A 112 12.24 2.45 3.10
C ALA A 112 12.72 3.62 2.24
N ALA A 113 11.80 4.19 1.46
CA ALA A 113 12.13 5.32 0.61
C ALA A 113 12.57 6.51 1.45
N SER A 114 11.92 6.72 2.59
CA SER A 114 12.22 7.88 3.43
C SER A 114 13.59 7.76 4.09
N ILE A 115 14.04 6.53 4.30
CA ILE A 115 15.38 6.25 4.82
C ILE A 115 16.43 6.54 3.75
N LYS A 116 16.14 6.11 2.52
CA LYS A 116 17.03 6.37 1.38
C LYS A 116 17.16 7.84 1.01
N ARG A 117 16.03 8.55 1.05
CA ARG A 117 15.97 9.96 0.68
C ARG A 117 15.08 10.73 1.65
N PRO A 118 15.57 11.00 2.86
CA PRO A 118 14.77 11.72 3.86
C PRO A 118 14.30 13.08 3.36
N ASP A 119 15.07 13.67 2.45
CA ASP A 119 14.79 14.99 1.92
C ASP A 119 13.60 15.00 0.97
N LEU A 120 13.14 13.81 0.56
CA LEU A 120 11.99 13.75 -0.35
C LEU A 120 10.66 13.54 0.35
N PHE A 121 10.68 13.35 1.67
CA PHE A 121 9.49 12.93 2.40
C PHE A 121 9.30 13.75 3.64
N THR A 122 8.24 14.56 3.67
CA THR A 122 7.92 15.38 4.83
C THR A 122 7.14 14.58 5.89
N ASN A 123 6.26 13.68 5.44
CA ASN A 123 5.40 12.92 6.33
C ASN A 123 5.10 11.61 5.68
N LEU A 124 4.87 10.57 6.48
CA LEU A 124 4.36 9.30 5.96
C LEU A 124 3.02 8.98 6.57
N LEU A 125 2.05 8.63 5.73
CA LEU A 125 0.79 8.12 6.21
C LEU A 125 0.72 6.68 5.73
N LEU A 126 0.66 5.77 6.69
CA LEU A 126 0.62 4.35 6.35
CA LEU A 126 0.62 4.35 6.36
C LEU A 126 -0.80 3.85 6.55
N ILE A 127 -1.40 3.29 5.50
CA ILE A 127 -2.78 2.82 5.59
C ILE A 127 -2.81 1.30 5.56
N ALA A 128 -3.16 0.69 6.70
CA ALA A 128 -3.20 -0.77 6.85
C ALA A 128 -1.88 -1.41 6.41
N ALA A 129 -0.78 -0.81 6.86
CA ALA A 129 0.55 -1.31 6.54
C ALA A 129 0.96 -2.39 7.51
N SER A 130 1.87 -3.24 7.07
CA SER A 130 2.45 -4.26 7.94
C SER A 130 3.85 -4.55 7.50
N PRO A 131 4.78 -4.72 8.46
CA PRO A 131 6.15 -5.10 8.14
C PRO A 131 6.32 -6.60 7.96
N ARG A 132 5.32 -7.39 8.36
CA ARG A 132 5.42 -8.84 8.28
C ARG A 132 4.08 -9.44 8.59
N TYR A 133 3.68 -10.43 7.76
CA TYR A 133 2.37 -11.06 7.89
C TYR A 133 2.45 -12.37 8.64
N ILE A 134 3.64 -12.94 8.67
CA ILE A 134 3.87 -14.28 9.21
C ILE A 134 4.06 -14.25 10.71
N ASN A 135 3.40 -15.16 11.41
CA ASN A 135 3.52 -15.27 12.86
C ASN A 135 4.80 -15.99 13.26
N SER A 136 5.33 -15.60 14.42
CA SER A 136 6.46 -16.29 15.05
C SER A 136 6.23 -16.25 16.55
N GLU A 137 7.19 -16.75 17.32
CA GLU A 137 7.08 -16.74 18.77
C GLU A 137 6.93 -15.32 19.31
N ASP A 138 7.68 -14.40 18.72
CA ASP A 138 7.84 -13.07 19.28
C ASP A 138 7.03 -12.01 18.56
N TYR A 139 6.39 -12.39 17.46
CA TYR A 139 5.71 -11.41 16.61
C TYR A 139 4.46 -12.01 15.98
N LYS A 140 3.36 -11.27 16.07
CA LYS A 140 2.10 -11.71 15.49
CA LYS A 140 2.10 -11.71 15.48
C LYS A 140 1.73 -10.83 14.30
N GLY A 141 1.78 -11.40 13.10
CA GLY A 141 1.46 -10.69 11.88
C GLY A 141 0.11 -11.05 11.34
N GLY A 142 -0.50 -12.11 11.88
CA GLY A 142 -1.84 -12.48 11.50
C GLY A 142 -1.99 -13.82 10.80
N PHE A 143 -0.88 -14.35 10.29
CA PHE A 143 -0.92 -15.59 9.52
C PHE A 143 0.19 -16.54 9.89
N GLU A 144 -0.12 -17.83 9.88
CA GLU A 144 0.94 -18.80 10.01
C GLU A 144 1.66 -18.93 8.68
N SER A 145 2.94 -19.27 8.73
CA SER A 145 3.76 -19.43 7.54
C SER A 145 3.11 -20.38 6.54
N LYS A 146 2.54 -21.46 7.03
CA LYS A 146 1.84 -22.43 6.17
C LYS A 146 0.67 -21.81 5.39
N ASP A 147 -0.04 -20.86 6.01
CA ASP A 147 -1.16 -20.20 5.33
C ASP A 147 -0.69 -19.33 4.18
N ILE A 148 0.44 -18.67 4.36
CA ILE A 148 1.00 -17.83 3.31
C ILE A 148 1.39 -18.70 2.13
N ASP A 149 2.00 -19.85 2.41
CA ASP A 149 2.39 -20.78 1.35
C ASP A 149 1.15 -21.25 0.57
N THR A 150 0.06 -21.55 1.27
CA THR A 150 -1.17 -21.98 0.62
C THR A 150 -1.78 -20.92 -0.28
N ILE A 151 -1.81 -19.68 0.21
CA ILE A 151 -2.22 -18.55 -0.62
C ILE A 151 -1.46 -18.54 -1.94
N ILE A 152 -0.14 -18.67 -1.86
CA ILE A 152 0.67 -18.60 -3.05
C ILE A 152 0.39 -19.79 -3.99
N THR A 153 0.23 -21.00 -3.45
CA THR A 153 -0.07 -22.13 -4.35
C THR A 153 -1.49 -22.01 -4.92
N SER A 154 -2.37 -21.28 -4.23
CA SER A 154 -3.71 -21.02 -4.76
C SER A 154 -3.65 -20.05 -5.93
N ILE A 155 -2.84 -19.00 -5.79
CA ILE A 155 -2.60 -18.07 -6.88
C ILE A 155 -2.04 -18.81 -8.10
N GLY A 156 -1.15 -19.75 -7.83
CA GLY A 156 -0.51 -20.51 -8.90
C GLY A 156 -1.24 -21.76 -9.38
N SER A 157 -2.45 -22.00 -8.88
CA SER A 157 -3.22 -23.17 -9.33
C SER A 157 -4.48 -22.74 -10.09
N ASN A 158 -5.34 -21.95 -9.44
N ASN A 158 -5.32 -21.92 -9.47
CA ASN A 158 -6.54 -21.40 -10.07
CA ASN A 158 -6.48 -21.42 -10.18
C ASN A 158 -6.62 -19.92 -9.77
C ASN A 158 -6.69 -19.96 -9.85
N TYR A 159 -6.04 -19.12 -10.64
CA TYR A 159 -5.89 -17.70 -10.35
C TYR A 159 -7.22 -16.95 -10.26
N GLU A 160 -8.10 -17.15 -11.24
CA GLU A 160 -9.37 -16.43 -11.26
C GLU A 160 -10.22 -16.74 -10.03
N ALA A 161 -10.29 -18.00 -9.65
CA ALA A 161 -11.02 -18.40 -8.45
C ALA A 161 -10.40 -17.80 -7.20
N TRP A 162 -9.07 -17.76 -7.19
CA TRP A 162 -8.37 -17.19 -6.06
C TRP A 162 -8.72 -15.70 -5.97
N ALA A 163 -8.73 -15.03 -7.11
CA ALA A 163 -9.02 -13.59 -7.09
C ALA A 163 -10.41 -13.29 -6.53
N VAL A 164 -11.38 -14.14 -6.87
CA VAL A 164 -12.74 -13.95 -6.35
C VAL A 164 -12.76 -14.14 -4.84
N ASP A 165 -12.13 -15.20 -4.37
CA ASP A 165 -12.10 -15.51 -2.95
C ASP A 165 -11.30 -14.48 -2.15
N PHE A 166 -10.15 -14.08 -2.66
CA PHE A 166 -9.29 -13.15 -1.97
C PHE A 166 -9.92 -11.78 -1.83
N SER A 167 -10.52 -11.28 -2.91
CA SER A 167 -11.15 -9.98 -2.83
C SER A 167 -12.30 -10.01 -1.83
N SER A 168 -13.06 -11.11 -1.77
CA SER A 168 -14.13 -11.20 -0.79
C SER A 168 -13.60 -11.28 0.62
N PHE A 169 -12.42 -11.84 0.77
CA PHE A 169 -11.81 -11.98 2.08
C PHE A 169 -11.32 -10.64 2.64
N VAL A 170 -10.76 -9.79 1.78
CA VAL A 170 -10.06 -8.62 2.30
C VAL A 170 -10.78 -7.29 2.11
N VAL A 171 -11.90 -7.27 1.40
CA VAL A 171 -12.66 -6.02 1.23
C VAL A 171 -13.96 -6.08 2.01
N ASP A 172 -14.26 -5.00 2.75
CA ASP A 172 -15.49 -4.84 3.53
C ASP A 172 -16.72 -5.38 2.78
N SER A 173 -17.28 -6.47 3.31
CA SER A 173 -18.41 -7.14 2.66
C SER A 173 -19.69 -6.31 2.68
N ARG A 174 -19.67 -5.18 3.37
CA ARG A 174 -20.78 -4.25 3.34
C ARG A 174 -20.79 -3.41 2.07
N ASP A 175 -19.69 -3.45 1.31
CA ASP A 175 -19.51 -2.61 0.13
C ASP A 175 -19.26 -3.47 -1.10
N SER A 176 -20.32 -4.04 -1.65
CA SER A 176 -20.18 -4.99 -2.74
C SER A 176 -19.50 -4.39 -3.97
N LEU A 177 -19.76 -3.12 -4.24
CA LEU A 177 -19.17 -2.47 -5.40
C LEU A 177 -17.65 -2.42 -5.27
N SER A 178 -17.17 -2.12 -4.07
CA SER A 178 -15.73 -2.08 -3.84
C SER A 178 -15.10 -3.48 -3.91
N VAL A 179 -15.81 -4.49 -3.40
CA VAL A 179 -15.33 -5.86 -3.52
C VAL A 179 -15.12 -6.20 -4.99
N GLN A 180 -16.07 -5.82 -5.83
CA GLN A 180 -15.98 -6.11 -7.26
C GLN A 180 -14.88 -5.32 -7.95
N ARG A 181 -14.69 -4.05 -7.54
CA ARG A 181 -13.61 -3.25 -8.11
C ARG A 181 -12.26 -3.90 -7.83
N PHE A 182 -12.07 -4.43 -6.62
CA PHE A 182 -10.78 -5.02 -6.33
C PHE A 182 -10.64 -6.37 -7.03
N GLU A 183 -11.73 -7.15 -7.11
CA GLU A 183 -11.69 -8.40 -7.88
C GLU A 183 -11.28 -8.12 -9.32
N LYS A 184 -11.82 -7.05 -9.89
CA LYS A 184 -11.50 -6.65 -11.25
C LYS A 184 -10.03 -6.33 -11.41
N SER A 185 -9.49 -5.55 -10.48
CA SER A 185 -8.08 -5.20 -10.57
CA SER A 185 -8.08 -5.19 -10.50
C SER A 185 -7.20 -6.43 -10.41
N LEU A 186 -7.53 -7.33 -9.49
CA LEU A 186 -6.77 -8.57 -9.34
C LEU A 186 -6.80 -9.36 -10.62
N LYS A 187 -7.96 -9.45 -11.24
CA LYS A 187 -8.08 -10.30 -12.42
C LYS A 187 -7.34 -9.75 -13.62
N LYS A 188 -7.01 -8.46 -13.59
CA LYS A 188 -6.24 -7.84 -14.67
C LYS A 188 -4.74 -8.18 -14.56
N MET A 189 -4.31 -8.56 -13.37
CA MET A 189 -2.93 -8.97 -13.16
CA MET A 189 -2.94 -8.99 -13.14
C MET A 189 -2.57 -10.18 -13.99
N LYS A 190 -1.32 -10.22 -14.43
CA LYS A 190 -0.79 -11.44 -15.02
C LYS A 190 -0.61 -12.44 -13.89
N PRO A 191 -1.15 -13.66 -14.01
CA PRO A 191 -1.12 -14.55 -12.85
C PRO A 191 0.30 -14.82 -12.36
N GLU A 192 1.26 -14.96 -13.28
CA GLU A 192 2.65 -15.17 -12.90
C GLU A 192 3.24 -13.98 -12.16
N THR A 193 2.77 -12.77 -12.49
CA THR A 193 3.25 -11.58 -11.81
C THR A 193 2.65 -11.53 -10.41
N ALA A 194 1.36 -11.85 -10.30
CA ALA A 194 0.73 -11.91 -9.00
C ALA A 194 1.44 -12.89 -8.06
N LEU A 195 1.86 -14.03 -8.60
CA LEU A 195 2.54 -15.03 -7.80
C LEU A 195 3.91 -14.54 -7.31
N ALA A 196 4.69 -14.02 -8.25
CA ALA A 196 6.00 -13.49 -7.93
C ALA A 196 5.92 -12.36 -6.90
N LEU A 197 4.92 -11.49 -7.06
CA LEU A 197 4.70 -10.41 -6.12
C LEU A 197 4.26 -10.92 -4.75
N ALA A 198 3.35 -11.89 -4.73
CA ALA A 198 2.85 -12.40 -3.46
C ALA A 198 3.98 -12.99 -2.62
N LYS A 199 4.92 -13.65 -3.27
CA LYS A 199 6.06 -14.20 -2.55
C LYS A 199 6.81 -13.12 -1.79
N ILE A 200 7.06 -11.97 -2.42
CA ILE A 200 7.88 -10.97 -1.77
C ILE A 200 7.06 -10.06 -0.85
N VAL A 201 5.74 -9.97 -1.05
CA VAL A 201 4.92 -9.16 -0.18
C VAL A 201 4.47 -9.98 1.04
N PHE A 202 3.85 -11.13 0.79
CA PHE A 202 3.28 -11.91 1.89
C PHE A 202 4.36 -12.55 2.75
N GLY A 203 5.54 -12.79 2.16
CA GLY A 203 6.64 -13.37 2.90
C GLY A 203 7.66 -12.35 3.35
N SER A 204 7.29 -11.08 3.30
CA SER A 204 8.22 -10.01 3.64
C SER A 204 8.58 -9.98 5.12
N ASP A 205 9.72 -9.37 5.42
CA ASP A 205 10.09 -9.04 6.78
C ASP A 205 10.83 -7.71 6.80
N GLU A 206 10.07 -6.64 6.97
CA GLU A 206 10.62 -5.29 7.01
C GLU A 206 10.64 -4.72 8.42
N ARG A 207 10.56 -5.58 9.43
CA ARG A 207 10.49 -5.12 10.82
C ARG A 207 11.70 -4.28 11.24
N GLU A 208 12.88 -4.63 10.74
CA GLU A 208 14.10 -3.98 11.22
C GLU A 208 14.28 -2.58 10.65
N ILE A 209 13.62 -2.29 9.53
CA ILE A 209 13.81 -0.97 8.93
C ILE A 209 13.10 0.13 9.72
N LEU A 210 12.08 -0.26 10.49
CA LEU A 210 11.25 0.73 11.21
C LEU A 210 12.07 1.62 12.13
N GLY A 211 13.09 1.03 12.76
CA GLY A 211 13.94 1.75 13.67
C GLY A 211 14.79 2.82 13.01
N GLN A 212 14.83 2.80 11.69
CA GLN A 212 15.61 3.77 10.94
C GLN A 212 14.74 4.90 10.40
N VAL A 213 13.43 4.78 10.51
CA VAL A 213 12.51 5.79 10.01
C VAL A 213 12.52 7.03 10.92
N SER A 214 12.90 8.17 10.37
CA SER A 214 13.03 9.39 11.16
C SER A 214 12.02 10.46 10.79
N VAL A 215 11.37 10.27 9.66
CA VAL A 215 10.34 11.18 9.18
C VAL A 215 9.08 10.93 10.00
N PRO A 216 8.31 11.97 10.33
CA PRO A 216 7.06 11.71 11.08
C PRO A 216 6.12 10.76 10.36
N CYS A 217 5.53 9.85 11.12
CA CYS A 217 4.74 8.76 10.58
CA CYS A 217 4.71 8.79 10.58
C CYS A 217 3.36 8.74 11.24
N HIS A 218 2.35 8.37 10.47
CA HIS A 218 1.01 8.18 11.00
C HIS A 218 0.52 6.85 10.51
N VAL A 219 0.24 5.98 11.47
CA VAL A 219 -0.17 4.63 11.19
C VAL A 219 -1.70 4.62 11.24
N ILE A 220 -2.34 4.48 10.08
CA ILE A 220 -3.79 4.49 10.02
C ILE A 220 -4.26 3.05 9.84
N GLN A 221 -5.11 2.59 10.74
CA GLN A 221 -5.42 1.18 10.88
C GLN A 221 -6.91 0.93 10.96
N PRO A 222 -7.47 0.09 10.07
CA PRO A 222 -8.89 -0.25 10.21
C PRO A 222 -9.18 -0.93 11.55
N GLY A 223 -10.37 -0.70 12.09
CA GLY A 223 -10.79 -1.34 13.32
C GLY A 223 -10.77 -2.86 13.29
N ASN A 224 -11.12 -3.45 12.15
CA ASN A 224 -11.09 -4.89 11.98
CA ASN A 224 -11.03 -4.90 11.99
C ASN A 224 -10.63 -5.28 10.57
N ASP A 225 -9.36 -5.63 10.42
CA ASP A 225 -8.79 -5.97 9.13
C ASP A 225 -8.15 -7.34 9.23
N VAL A 226 -8.69 -8.33 8.51
CA VAL A 226 -8.15 -9.69 8.53
C VAL A 226 -6.69 -9.75 8.10
N VAL A 227 -6.23 -8.76 7.34
CA VAL A 227 -4.87 -8.75 6.83
C VAL A 227 -3.87 -8.19 7.84
N VAL A 228 -4.33 -7.30 8.72
CA VAL A 228 -3.44 -6.61 9.66
C VAL A 228 -4.07 -6.54 11.04
N PRO A 229 -3.59 -7.36 11.97
CA PRO A 229 -4.13 -7.25 13.33
C PRO A 229 -3.76 -5.91 13.97
N VAL A 230 -4.60 -5.40 14.86
CA VAL A 230 -4.37 -4.08 15.46
C VAL A 230 -3.00 -3.98 16.10
N SER A 231 -2.52 -5.08 16.65
CA SER A 231 -1.23 -5.10 17.33
C SER A 231 -0.08 -4.72 16.41
N VAL A 232 -0.24 -4.98 15.11
CA VAL A 232 0.81 -4.64 14.14
C VAL A 232 0.94 -3.13 14.03
N ALA A 233 -0.20 -2.43 14.03
CA ALA A 233 -0.17 -0.98 14.01
C ALA A 233 0.62 -0.42 15.18
N TYR A 234 0.36 -0.96 16.36
CA TYR A 234 1.04 -0.50 17.57
C TYR A 234 2.50 -0.94 17.60
N PHE A 235 2.80 -2.07 16.99
CA PHE A 235 4.17 -2.51 16.80
C PHE A 235 4.96 -1.48 16.01
N MET A 236 4.37 -1.04 14.89
CA MET A 236 5.07 -0.13 14.01
C MET A 236 5.29 1.19 14.71
N GLN A 237 4.27 1.66 15.40
CA GLN A 237 4.37 2.94 16.09
C GLN A 237 5.50 2.92 17.12
N GLU A 238 5.57 1.83 17.88
CA GLU A 238 6.61 1.63 18.89
C GLU A 238 8.03 1.60 18.30
N LYS A 239 8.20 0.91 17.16
CA LYS A 239 9.52 0.72 16.58
C LYS A 239 10.03 1.94 15.79
N ILE A 240 9.11 2.69 15.21
CA ILE A 240 9.49 3.84 14.38
C ILE A 240 10.21 4.89 15.23
N LYS A 241 11.37 5.33 14.75
CA LYS A 241 12.20 6.24 15.52
C LYS A 241 11.61 7.64 15.65
N GLY A 242 11.22 8.24 14.53
CA GLY A 242 10.69 9.59 14.55
C GLY A 242 9.29 9.64 15.17
N LYS A 243 8.68 10.82 15.15
CA LYS A 243 7.34 11.01 15.71
C LYS A 243 6.36 10.06 15.02
N SER A 244 5.48 9.44 15.79
CA SER A 244 4.56 8.46 15.23
CA SER A 244 4.55 8.47 15.23
C SER A 244 3.28 8.38 16.05
N THR A 245 2.14 8.30 15.36
CA THR A 245 0.85 8.11 15.99
C THR A 245 0.12 6.94 15.35
N VAL A 246 -0.88 6.40 16.06
CA VAL A 246 -1.78 5.40 15.53
C VAL A 246 -3.18 5.97 15.48
N GLU A 247 -3.83 5.83 14.34
CA GLU A 247 -5.20 6.27 14.19
C GLU A 247 -6.02 5.07 13.78
N ILE A 248 -6.88 4.59 14.68
CA ILE A 248 -7.81 3.52 14.37
C ILE A 248 -9.08 4.09 13.76
N ILE A 249 -9.51 3.54 12.63
CA ILE A 249 -10.81 3.88 12.08
C ILE A 249 -11.80 2.83 12.54
N GLU A 250 -12.64 3.17 13.53
CA GLU A 250 -13.31 2.12 14.28
C GLU A 250 -14.33 1.31 13.47
N ASP A 251 -15.00 1.95 12.51
CA ASP A 251 -16.01 1.25 11.71
C ASP A 251 -15.43 0.73 10.40
N ALA A 252 -14.12 0.85 10.21
CA ALA A 252 -13.49 0.34 9.01
C ALA A 252 -13.34 -1.17 9.14
N ILE A 253 -13.76 -1.88 8.10
CA ILE A 253 -13.63 -3.34 8.06
C ILE A 253 -12.87 -3.72 6.82
N GLY A 254 -11.96 -4.68 6.96
CA GLY A 254 -11.16 -5.12 5.85
C GLY A 254 -10.06 -4.13 5.55
N HIS A 255 -9.47 -4.31 4.38
CA HIS A 255 -8.15 -3.79 4.10
C HIS A 255 -8.14 -2.53 3.24
N PHE A 256 -9.30 -2.10 2.78
CA PHE A 256 -9.36 -1.01 1.81
C PHE A 256 -10.22 0.16 2.25
N PRO A 257 -9.81 0.84 3.33
CA PRO A 257 -10.68 1.93 3.82
C PRO A 257 -10.82 3.07 2.82
N GLN A 258 -9.84 3.26 1.93
CA GLN A 258 -9.97 4.31 0.93
C GLN A 258 -11.10 4.01 -0.05
N MET A 259 -11.53 2.75 -0.12
CA MET A 259 -12.71 2.39 -0.90
C MET A 259 -13.96 2.28 -0.04
N THR A 260 -13.82 1.71 1.16
CA THR A 260 -15.01 1.26 1.89
C THR A 260 -15.37 2.10 3.13
N SER A 261 -14.47 2.97 3.54
CA SER A 261 -14.69 3.93 4.62
C SER A 261 -14.03 5.24 4.25
N HIS A 262 -14.33 5.73 3.05
CA HIS A 262 -13.50 6.80 2.49
C HIS A 262 -13.71 8.14 3.18
N LEU A 263 -14.92 8.42 3.66
CA LEU A 263 -15.14 9.68 4.38
C LEU A 263 -14.47 9.64 5.74
N GLU A 264 -14.47 8.49 6.38
CA GLU A 264 -13.76 8.31 7.65
C GLU A 264 -12.26 8.53 7.45
N LEU A 265 -11.71 7.92 6.39
CA LEU A 265 -10.30 8.10 6.08
C LEU A 265 -9.97 9.57 5.80
N LEU A 266 -10.81 10.26 5.04
CA LEU A 266 -10.56 11.68 4.78
C LEU A 266 -10.60 12.51 6.06
N GLY A 267 -11.52 12.17 6.98
CA GLY A 267 -11.55 12.79 8.28
C GLY A 267 -10.23 12.67 9.03
N VAL A 268 -9.66 11.46 9.06
CA VAL A 268 -8.37 11.24 9.70
C VAL A 268 -7.30 12.05 9.00
N MET A 269 -7.29 12.02 7.68
CA MET A 269 -6.27 12.76 6.92
C MET A 269 -6.38 14.26 7.14
N ARG A 270 -7.61 14.76 7.20
CA ARG A 270 -7.82 16.19 7.47
C ARG A 270 -7.28 16.58 8.83
N ARG A 271 -7.46 15.72 9.82
CA ARG A 271 -6.94 15.98 11.16
C ARG A 271 -5.40 15.95 11.18
N LEU A 272 -4.83 14.92 10.57
CA LEU A 272 -3.38 14.75 10.56
C LEU A 272 -2.65 15.83 9.76
N LEU A 273 -3.21 16.21 8.62
CA LEU A 273 -2.50 17.07 7.69
C LEU A 273 -3.02 18.51 7.65
N GLU A 274 -4.05 18.78 8.45
CA GLU A 274 -4.61 20.11 8.62
C GLU A 274 -5.04 20.74 7.31
N PHE A 275 -6.07 20.16 6.70
CA PHE A 275 -6.67 20.73 5.51
C PHE A 275 -8.18 20.50 5.52
#